data_1U78
#
_entry.id   1U78
#
_cell.length_a   93.681
_cell.length_b   93.681
_cell.length_c   255.558
_cell.angle_alpha   90.00
_cell.angle_beta   90.00
_cell.angle_gamma   120.00
#
_symmetry.space_group_name_H-M   'P 61 2 2'
#
loop_
_entity.id
_entity.type
_entity.pdbx_description
1 polymer 26-MER
2 polymer 26-MER
3 polymer 'transposable element tc3 transposase'
4 water water
#
loop_
_entity_poly.entity_id
_entity_poly.type
_entity_poly.pdbx_seq_one_letter_code
_entity_poly.pdbx_strand_id
1 'polydeoxyribonucleotide'
;(DG)(DG)(DG)(DG)(DG)(DT)(DC)(DC)(DT)(DA)(DT)(DA)(DG)(DA)(DA)(DC)(DT)(DT)(DT)(DC)
(DC)(DC)(DA)(DC)(DA)(DC)
;
B
2 'polydeoxyribonucleotide'
;(DT)(DG)(DT)(DG)(DG)(DG)(DA)(DA)(DA)(DG)(DT)(DT)(DC)(DT)(DA)(DT)(DA)(DG)(DG)(DA)
(DC)(DC)(DC)(DC)(DC)(DG)
;
C
3 'polypeptide(L)'
;MPRGSALSDTERAQLDVMKLLNVSLHEMSRKISRSRHCIRVYLKDPVSYGTSKRAPRRKALSVRDERNVIRAASNSCKTA
RDIRNELQLSASKRTILNVIKRSGVIVRQKLRPAPLLSADHKLKRLEFAKNNMGTHHHHHH
;
A
#
# COMPACT_ATOMS: atom_id res chain seq x y z
N PRO C 2 -0.58 2.38 -11.48
CA PRO C 2 -0.19 2.78 -12.87
C PRO C 2 -1.12 2.21 -13.95
N ARG C 3 -0.90 2.61 -15.21
CA ARG C 3 -1.79 2.26 -16.29
C ARG C 3 -1.74 0.78 -16.55
N GLY C 4 -0.60 0.17 -16.24
CA GLY C 4 -0.44 -1.26 -16.34
C GLY C 4 0.07 -1.87 -15.06
N SER C 5 -0.02 -3.18 -14.97
CA SER C 5 0.52 -3.97 -13.87
C SER C 5 2.03 -3.83 -13.75
N ALA C 6 2.54 -4.16 -12.57
CA ALA C 6 3.97 -4.06 -12.36
C ALA C 6 4.59 -5.21 -13.09
N LEU C 7 5.70 -4.96 -13.75
CA LEU C 7 6.57 -6.04 -14.20
C LEU C 7 6.76 -7.14 -13.14
N SER C 8 6.42 -8.38 -13.49
CA SER C 8 6.58 -9.53 -12.65
C SER C 8 8.02 -10.02 -12.64
N ASP C 9 8.28 -11.02 -11.80
CA ASP C 9 9.54 -11.74 -11.77
C ASP C 9 9.95 -12.31 -13.13
N THR C 10 9.06 -13.05 -13.80
CA THR C 10 9.44 -13.62 -15.09
C THR C 10 9.66 -12.52 -16.08
N GLU C 11 8.76 -11.54 -16.15
CA GLU C 11 9.08 -10.54 -17.16
C GLU C 11 10.38 -9.79 -16.79
N ARG C 12 10.70 -9.61 -15.50
CA ARG C 12 11.99 -8.99 -15.22
C ARG C 12 13.18 -9.87 -15.63
N ALA C 13 13.13 -11.13 -15.26
CA ALA C 13 14.13 -12.10 -15.76
C ALA C 13 14.26 -12.07 -17.28
N GLN C 14 13.15 -11.89 -17.99
CA GLN C 14 13.27 -11.90 -19.45
C GLN C 14 14.01 -10.65 -19.90
N LEU C 15 13.56 -9.50 -19.39
CA LEU C 15 14.27 -8.21 -19.53
C LEU C 15 15.75 -8.37 -19.25
N ASP C 16 16.09 -9.01 -18.14
CA ASP C 16 17.49 -9.26 -17.80
C ASP C 16 18.29 -9.89 -18.93
N VAL C 17 17.90 -11.09 -19.36
CA VAL C 17 18.69 -11.81 -20.35
C VAL C 17 18.67 -11.10 -21.67
N MET C 18 17.58 -10.41 -22.00
CA MET C 18 17.58 -9.71 -23.28
C MET C 18 18.62 -8.61 -23.25
N LYS C 19 18.69 -7.89 -22.13
CA LYS C 19 19.75 -6.91 -21.91
C LYS C 19 21.13 -7.53 -22.09
N LEU C 20 21.46 -8.64 -21.42
CA LEU C 20 22.73 -9.32 -21.72
C LEU C 20 22.92 -9.70 -23.19
N LEU C 21 21.83 -9.80 -23.95
CA LEU C 21 21.95 -10.16 -25.36
C LEU C 21 21.91 -8.93 -26.20
N ASN C 22 21.97 -7.78 -25.54
CA ASN C 22 21.98 -6.50 -26.23
C ASN C 22 20.84 -6.32 -27.21
N VAL C 23 19.64 -6.74 -26.81
CA VAL C 23 18.47 -6.55 -27.67
C VAL C 23 18.08 -5.09 -27.57
N SER C 24 17.57 -4.49 -28.63
CA SER C 24 17.09 -3.12 -28.56
C SER C 24 15.89 -3.02 -27.65
N LEU C 25 15.44 -1.80 -27.39
CA LEU C 25 14.35 -1.59 -26.45
C LEU C 25 13.06 -1.86 -27.17
N HIS C 26 12.95 -1.35 -28.40
CA HIS C 26 11.76 -1.57 -29.23
C HIS C 26 11.53 -3.08 -29.32
N GLU C 27 12.58 -3.81 -29.65
CA GLU C 27 12.49 -5.23 -29.76
C GLU C 27 12.15 -5.92 -28.46
N MET C 28 12.64 -5.37 -27.35
CA MET C 28 12.40 -5.97 -26.05
C MET C 28 10.94 -5.81 -25.72
N SER C 29 10.43 -4.61 -25.96
CA SER C 29 9.04 -4.31 -25.63
C SER C 29 8.08 -5.09 -26.55
N ARG C 30 8.51 -5.37 -27.78
CA ARG C 30 7.75 -6.28 -28.64
C ARG C 30 7.65 -7.68 -28.07
N LYS C 31 8.78 -8.30 -27.69
CA LYS C 31 8.73 -9.67 -27.16
C LYS C 31 8.04 -9.81 -25.82
N ILE C 32 7.99 -8.77 -24.99
CA ILE C 32 7.21 -8.97 -23.74
C ILE C 32 5.96 -8.12 -23.66
N SER C 33 5.61 -7.47 -24.76
CA SER C 33 4.34 -6.76 -24.91
C SER C 33 4.13 -5.85 -23.75
N ARG C 34 5.14 -5.01 -23.56
CA ARG C 34 5.27 -4.08 -22.45
C ARG C 34 5.84 -2.80 -23.03
N SER C 35 5.46 -1.66 -22.46
CA SER C 35 5.92 -0.38 -23.00
C SER C 35 7.43 -0.23 -22.82
N ARG C 36 8.06 0.50 -23.73
CA ARG C 36 9.47 0.82 -23.61
C ARG C 36 9.67 1.59 -22.30
N HIS C 37 8.94 2.69 -22.14
CA HIS C 37 8.98 3.46 -20.87
C HIS C 37 9.25 2.54 -19.68
N CYS C 38 8.49 1.47 -19.61
CA CYS C 38 8.52 0.62 -18.43
C CYS C 38 9.84 -0.15 -18.29
N ILE C 39 10.20 -0.89 -19.34
CA ILE C 39 11.50 -1.56 -19.48
C ILE C 39 12.73 -0.67 -19.24
N ARG C 40 12.80 0.48 -19.93
CA ARG C 40 13.94 1.40 -19.75
C ARG C 40 14.27 1.68 -18.30
N VAL C 41 13.21 1.90 -17.54
CA VAL C 41 13.34 2.28 -16.15
C VAL C 41 13.73 1.04 -15.37
N TYR C 42 13.13 -0.11 -15.68
CA TYR C 42 13.56 -1.32 -14.98
C TYR C 42 15.07 -1.59 -15.20
N LEU C 43 15.53 -1.56 -16.44
CA LEU C 43 16.92 -1.86 -16.73
C LEU C 43 17.88 -0.75 -16.20
N LYS C 44 17.47 0.53 -16.20
CA LYS C 44 18.41 1.58 -15.74
C LYS C 44 18.82 1.34 -14.29
N ASP C 45 17.94 0.67 -13.54
CA ASP C 45 18.18 0.47 -12.11
C ASP C 45 17.31 -0.66 -11.54
N PRO C 46 17.61 -1.91 -11.91
CA PRO C 46 16.74 -3.06 -11.57
C PRO C 46 16.58 -3.31 -10.07
N VAL C 47 17.67 -3.20 -9.32
CA VAL C 47 17.69 -3.44 -7.88
C VAL C 47 16.63 -2.65 -7.14
N SER C 48 16.23 -1.51 -7.70
CA SER C 48 15.27 -0.63 -7.03
C SER C 48 13.90 -0.54 -7.69
N TYR C 49 13.69 -1.38 -8.70
CA TYR C 49 12.32 -1.60 -9.19
C TYR C 49 11.35 -1.99 -8.08
N GLY C 50 10.25 -1.25 -8.01
CA GLY C 50 9.21 -1.52 -7.04
C GLY C 50 9.59 -1.18 -5.63
N THR C 51 10.56 -0.28 -5.47
CA THR C 51 11.21 -0.11 -4.17
C THR C 51 10.71 1.10 -3.40
N SER C 52 10.03 1.99 -4.09
CA SER C 52 9.70 3.29 -3.53
C SER C 52 8.24 3.36 -3.05
N LYS C 53 8.03 3.35 -1.74
CA LYS C 53 6.70 3.31 -1.13
C LYS C 53 5.83 4.51 -1.43
N ARG C 54 4.52 4.37 -1.31
CA ARG C 54 3.56 5.42 -1.61
C ARG C 54 2.94 5.73 -0.29
N ALA C 55 2.97 7.01 0.11
CA ALA C 55 2.28 7.45 1.32
C ALA C 55 0.82 7.00 1.29
N PRO C 56 0.39 6.28 2.33
CA PRO C 56 -0.97 5.74 2.38
C PRO C 56 -2.03 6.77 2.69
N ARG C 57 -3.29 6.37 2.59
CA ARG C 57 -4.39 7.24 2.98
C ARG C 57 -4.35 7.45 4.50
N ARG C 58 -5.13 8.39 5.03
CA ARG C 58 -5.05 8.70 6.47
C ARG C 58 -6.01 7.83 7.22
N LYS C 59 -5.70 7.54 8.48
CA LYS C 59 -6.59 6.77 9.33
C LYS C 59 -7.86 7.60 9.50
N ALA C 60 -8.88 7.06 10.14
CA ALA C 60 -10.15 7.75 10.23
C ALA C 60 -10.21 8.53 11.52
N LEU C 61 -9.28 8.22 12.41
CA LEU C 61 -9.23 8.76 13.76
C LEU C 61 -7.87 9.38 14.04
N SER C 62 -7.86 10.53 14.70
CA SER C 62 -6.63 11.16 15.12
C SER C 62 -6.05 10.42 16.32
N VAL C 63 -4.75 10.56 16.52
CA VAL C 63 -4.08 10.05 17.74
C VAL C 63 -4.85 10.40 19.00
N ARG C 64 -5.37 11.63 19.09
CA ARG C 64 -6.24 12.01 20.20
C ARG C 64 -7.44 11.07 20.28
N ASP C 65 -8.27 11.08 19.24
CA ASP C 65 -9.47 10.25 19.21
C ASP C 65 -9.18 8.81 19.60
N GLU C 66 -8.16 8.23 18.97
CA GLU C 66 -7.68 6.90 19.33
C GLU C 66 -7.47 6.80 20.85
N ARG C 67 -6.67 7.71 21.41
CA ARG C 67 -6.36 7.76 22.85
C ARG C 67 -7.61 7.89 23.74
N ASN C 68 -8.58 8.70 23.32
CA ASN C 68 -9.83 8.81 24.06
C ASN C 68 -10.65 7.53 23.97
N VAL C 69 -10.71 6.95 22.77
CA VAL C 69 -11.43 5.70 22.56
C VAL C 69 -10.89 4.66 23.53
N ILE C 70 -9.57 4.51 23.59
CA ILE C 70 -8.97 3.54 24.49
C ILE C 70 -9.30 3.84 25.95
N ARG C 71 -9.16 5.11 26.36
CA ARG C 71 -9.45 5.49 27.75
C ARG C 71 -10.88 5.11 28.14
N ALA C 72 -11.82 5.32 27.23
CA ALA C 72 -13.23 5.00 27.49
C ALA C 72 -13.47 3.50 27.64
N ALA C 73 -12.74 2.70 26.86
CA ALA C 73 -12.88 1.24 26.89
C ALA C 73 -12.02 0.56 27.94
N SER C 74 -10.93 1.23 28.32
CA SER C 74 -10.06 0.78 29.42
C SER C 74 -10.78 0.84 30.76
N ASN C 75 -11.62 1.87 30.90
CA ASN C 75 -12.37 2.11 32.13
C ASN C 75 -13.61 1.23 32.27
N SER C 76 -14.55 1.36 31.33
CA SER C 76 -15.87 0.78 31.46
C SER C 76 -16.21 -0.17 30.32
N CYS C 77 -17.19 -1.04 30.55
CA CYS C 77 -17.80 -1.85 29.49
C CYS C 77 -18.97 -1.10 28.88
N LYS C 78 -18.64 -0.15 28.02
CA LYS C 78 -19.59 0.50 27.13
C LYS C 78 -19.40 -0.12 25.76
N THR C 79 -20.46 -0.16 24.96
CA THR C 79 -20.37 -0.70 23.61
C THR C 79 -19.56 0.23 22.71
N ALA C 80 -19.05 -0.31 21.62
CA ALA C 80 -18.33 0.50 20.63
C ALA C 80 -19.20 1.68 20.22
N ARG C 81 -20.46 1.39 19.87
CA ARG C 81 -21.40 2.41 19.42
C ARG C 81 -21.52 3.52 20.47
N ASP C 82 -21.63 3.11 21.74
CA ASP C 82 -21.68 4.07 22.85
C ASP C 82 -20.50 5.02 22.74
N ILE C 83 -19.29 4.48 22.75
CA ILE C 83 -18.08 5.30 22.66
C ILE C 83 -18.16 6.27 21.49
N ARG C 84 -18.49 5.77 20.31
CA ARG C 84 -18.61 6.60 19.11
C ARG C 84 -19.50 7.82 19.34
N ASN C 85 -20.64 7.61 19.98
CA ASN C 85 -21.56 8.71 20.25
C ASN C 85 -21.07 9.60 21.40
N GLU C 86 -20.35 9.00 22.34
CA GLU C 86 -19.87 9.68 23.52
C GLU C 86 -18.79 10.71 23.16
N LEU C 87 -17.91 10.34 22.24
CA LEU C 87 -16.89 11.26 21.76
C LEU C 87 -17.29 11.86 20.42
N GLN C 88 -18.58 11.72 20.07
CA GLN C 88 -19.13 12.19 18.80
C GLN C 88 -18.17 11.98 17.63
N LEU C 89 -17.77 10.73 17.42
CA LEU C 89 -16.55 10.41 16.67
C LEU C 89 -16.58 10.38 15.16
N SER C 90 -17.75 10.19 14.57
CA SER C 90 -17.90 10.18 13.10
C SER C 90 -16.92 9.24 12.35
N ALA C 91 -16.65 8.10 12.97
CA ALA C 91 -15.92 7.01 12.35
C ALA C 91 -16.75 5.77 12.66
N SER C 92 -16.76 4.79 11.76
CA SER C 92 -17.63 3.62 11.92
C SER C 92 -17.47 2.89 13.25
N LYS C 93 -18.59 2.40 13.77
CA LYS C 93 -18.60 1.57 14.96
C LYS C 93 -17.52 0.48 14.87
N ARG C 94 -17.34 -0.10 13.69
CA ARG C 94 -16.34 -1.13 13.47
C ARG C 94 -14.91 -0.61 13.66
N THR C 95 -14.63 0.58 13.15
CA THR C 95 -13.30 1.17 13.27
C THR C 95 -12.93 1.33 14.74
N ILE C 96 -13.87 1.81 15.54
CA ILE C 96 -13.64 1.94 16.97
C ILE C 96 -13.18 0.59 17.53
N LEU C 97 -13.91 -0.46 17.20
CA LEU C 97 -13.58 -1.81 17.65
C LEU C 97 -12.20 -2.25 17.21
N ASN C 98 -11.84 -1.86 15.98
CA ASN C 98 -10.52 -2.13 15.45
C ASN C 98 -9.44 -1.48 16.30
N VAL C 99 -9.68 -0.23 16.69
CA VAL C 99 -8.78 0.50 17.58
C VAL C 99 -8.68 -0.20 18.92
N ILE C 100 -9.82 -0.50 19.53
CA ILE C 100 -9.84 -1.18 20.82
C ILE C 100 -9.06 -2.50 20.77
N LYS C 101 -9.23 -3.25 19.68
CA LYS C 101 -8.56 -4.55 19.49
C LYS C 101 -7.05 -4.40 19.26
N ARG C 102 -6.65 -3.31 18.60
CA ARG C 102 -5.24 -3.01 18.35
C ARG C 102 -4.44 -2.69 19.63
N SER C 103 -5.15 -2.33 20.70
CA SER C 103 -4.55 -2.03 22.00
C SER C 103 -4.35 -3.25 22.90
N GLY C 104 -4.43 -4.45 22.31
CA GLY C 104 -4.24 -5.69 23.04
C GLY C 104 -5.53 -6.18 23.65
#